data_6SA9
#
_entry.id   6SA9
#
_cell.length_a   42.387
_cell.length_b   98.920
_cell.length_c   76.508
_cell.angle_alpha   90.000
_cell.angle_beta   94.370
_cell.angle_gamma   90.000
#
_symmetry.space_group_name_H-M   'C 1 2 1'
#
loop_
_entity.id
_entity.type
_entity.pdbx_description
1 polymer 'Endogenous retrovirus group K member 9 Pol protein'
2 non-polymer GLYCEROL
3 water water
#
_entity_poly.entity_id   1
_entity_poly.type   'polypeptide(L)'
_entity_poly.pdbx_seq_one_letter_code
;(MSE)PVTLEP(MSE)PPGEGAQEGEPPTVEARYKSFSIK(MSE)LKD(MSE)KEGVKQYGPNSPY(MSE)RTLLDSIAH
GHRLIPYDWEILAKSSLSPSQFLQFKTWWIDGVQEQVRRNRAANPPVNIDADQLLGIGQNWSTISQQAL(MSE)QNEAIE
QVRAICLRAWEKIQDPLEHHHHHH
;
_entity_poly.pdbx_strand_id   A,B
#
loop_
_chem_comp.id
_chem_comp.type
_chem_comp.name
_chem_comp.formula
GOL non-polymer GLYCEROL 'C3 H8 O3'
#
# COMPACT_ATOMS: atom_id res chain seq x y z
N PRO A 2 -0.07 0.27 -8.91
CA PRO A 2 -1.25 -0.36 -8.31
C PRO A 2 -2.57 0.19 -8.85
N VAL A 3 -3.63 -0.58 -8.69
CA VAL A 3 -4.96 -0.16 -9.13
C VAL A 3 -5.61 0.61 -8.00
N THR A 4 -6.09 1.81 -8.29
CA THR A 4 -6.53 2.72 -7.22
C THR A 4 -8.04 2.75 -7.06
N LEU A 5 -8.73 2.02 -7.92
CA LEU A 5 -10.18 1.88 -7.81
C LEU A 5 -10.61 0.47 -8.21
N GLU A 6 -11.16 -0.28 -7.26
CA GLU A 6 -11.66 -1.62 -7.54
C GLU A 6 -12.73 -1.60 -8.63
N PRO A 7 -12.77 -2.65 -9.47
CA PRO A 7 -13.77 -2.79 -10.53
C PRO A 7 -15.21 -2.72 -10.03
N ALA A 24 -12.35 1.87 -13.04
CA ALA A 24 -11.10 1.53 -12.36
C ALA A 24 -9.91 2.21 -13.03
N ARG A 25 -8.94 2.65 -12.23
CA ARG A 25 -7.73 3.27 -12.78
C ARG A 25 -6.45 2.90 -12.03
N TYR A 26 -5.33 3.36 -12.58
CA TYR A 26 -4.02 2.85 -12.20
C TYR A 26 -3.08 3.99 -11.84
N LYS A 27 -2.27 3.78 -10.80
CA LYS A 27 -1.22 4.71 -10.44
C LYS A 27 0.09 3.95 -10.25
N SER A 28 1.15 4.44 -10.88
CA SER A 28 2.44 3.75 -10.82
C SER A 28 3.06 3.85 -9.44
N PHE A 29 3.97 2.93 -9.13
CA PHE A 29 4.83 3.05 -7.96
C PHE A 29 5.71 4.28 -8.17
N SER A 30 6.07 4.93 -7.07
CA SER A 30 6.93 6.11 -7.14
C SER A 30 8.33 5.70 -7.56
N ILE A 31 9.04 6.62 -8.20
CA ILE A 31 10.41 6.37 -8.64
C ILE A 31 11.26 6.08 -7.42
N LYS A 32 11.00 6.82 -6.35
CA LYS A 32 11.69 6.62 -5.10
C LYS A 32 11.47 5.22 -4.53
N MSE A 33 10.21 4.77 -4.53
CA MSE A 33 9.92 3.46 -3.97
C MSE A 33 10.66 2.36 -4.73
O MSE A 33 11.19 1.42 -4.14
CB MSE A 33 8.42 3.18 -3.98
CG MSE A 33 8.00 2.23 -2.88
SE MSE A 33 6.81 0.87 -3.57
CE MSE A 33 7.98 0.38 -5.03
N LEU A 34 10.68 2.48 -6.05
CA LEU A 34 11.36 1.49 -6.88
C LEU A 34 12.86 1.51 -6.61
N LYS A 35 13.43 2.70 -6.41
CA LYS A 35 14.84 2.81 -6.06
C LYS A 35 15.16 2.13 -4.73
N ASP A 36 14.31 2.34 -3.73
CA ASP A 36 14.45 1.67 -2.43
C ASP A 36 14.41 0.14 -2.57
N MSE A 37 13.49 -0.37 -3.38
CA MSE A 37 13.38 -1.80 -3.57
C MSE A 37 14.63 -2.36 -4.25
O MSE A 37 15.11 -3.44 -3.90
CB MSE A 37 12.12 -2.15 -4.38
CG MSE A 37 10.82 -1.74 -3.68
SE MSE A 37 10.39 -2.87 -2.13
CE MSE A 37 9.92 -4.46 -3.13
N LYS A 38 15.17 -1.63 -5.21
CA LYS A 38 16.39 -2.07 -5.89
C LYS A 38 17.56 -2.08 -4.91
N GLU A 39 17.62 -1.06 -4.07
CA GLU A 39 18.68 -0.96 -3.07
C GLU A 39 18.52 -2.07 -2.02
N GLY A 40 17.29 -2.36 -1.63
CA GLY A 40 17.04 -3.43 -0.68
C GLY A 40 17.48 -4.78 -1.21
N VAL A 41 17.17 -5.05 -2.47
CA VAL A 41 17.61 -6.31 -3.09
C VAL A 41 19.14 -6.36 -3.19
N LYS A 42 19.76 -5.23 -3.54
CA LYS A 42 21.22 -5.15 -3.60
C LYS A 42 21.89 -5.41 -2.24
N GLN A 43 21.32 -4.83 -1.18
CA GLN A 43 21.90 -4.94 0.15
C GLN A 43 21.57 -6.26 0.84
N TYR A 44 20.35 -6.76 0.65
CA TYR A 44 19.88 -7.90 1.44
C TYR A 44 19.50 -9.15 0.65
N GLY A 45 19.35 -9.00 -0.66
CA GLY A 45 18.95 -10.11 -1.51
C GLY A 45 17.44 -10.27 -1.58
N PRO A 46 16.95 -10.91 -2.66
CA PRO A 46 15.51 -11.04 -2.92
C PRO A 46 14.79 -11.86 -1.87
N ASN A 47 15.50 -12.83 -1.28
CA ASN A 47 14.85 -13.72 -0.33
C ASN A 47 15.27 -13.58 1.11
N SER A 48 15.76 -12.41 1.46
CA SER A 48 15.95 -12.08 2.87
C SER A 48 14.57 -12.01 3.49
N PRO A 49 14.45 -12.39 4.76
CA PRO A 49 13.17 -12.16 5.46
C PRO A 49 12.76 -10.70 5.31
N TYR A 50 13.74 -9.80 5.32
CA TYR A 50 13.52 -8.38 5.06
C TYR A 50 12.72 -8.13 3.78
N MSE A 51 13.24 -8.55 2.63
CA MSE A 51 12.55 -8.32 1.36
CA MSE A 51 12.54 -8.31 1.36
C MSE A 51 11.26 -9.13 1.25
O MSE A 51 10.27 -8.67 0.66
CB MSE A 51 13.47 -8.61 0.17
CB MSE A 51 13.47 -8.59 0.17
CG MSE A 51 14.61 -7.62 0.00
CG MSE A 51 12.80 -8.40 -1.17
SE MSE A 51 13.96 -5.78 -0.13
SE MSE A 51 12.09 -6.58 -1.40
CE MSE A 51 12.76 -5.98 -1.65
CE MSE A 51 13.76 -5.61 -1.24
N ARG A 52 11.27 -10.34 1.79
CA ARG A 52 10.07 -11.20 1.72
C ARG A 52 8.88 -10.58 2.43
N THR A 53 9.11 -10.07 3.63
CA THR A 53 8.01 -9.48 4.37
C THR A 53 7.64 -8.10 3.79
N LEU A 54 8.62 -7.37 3.28
CA LEU A 54 8.34 -6.07 2.65
C LEU A 54 7.47 -6.28 1.41
N LEU A 55 7.86 -7.26 0.59
CA LEU A 55 7.07 -7.59 -0.59
C LEU A 55 5.66 -8.05 -0.22
N ASP A 56 5.57 -8.88 0.81
CA ASP A 56 4.27 -9.35 1.29
C ASP A 56 3.39 -8.18 1.70
N SER A 57 3.99 -7.21 2.42
CA SER A 57 3.28 -6.03 2.90
C SER A 57 2.76 -5.19 1.75
N ILE A 58 3.62 -4.93 0.77
CA ILE A 58 3.24 -4.17 -0.42
C ILE A 58 2.13 -4.88 -1.19
N ALA A 59 2.26 -6.20 -1.31
CA ALA A 59 1.30 -7.01 -2.06
C ALA A 59 -0.09 -7.08 -1.40
N HIS A 60 -0.14 -6.90 -0.08
CA HIS A 60 -1.41 -6.88 0.63
CA HIS A 60 -1.41 -6.88 0.63
C HIS A 60 -1.90 -5.46 0.89
N GLY A 61 -0.99 -4.51 0.77
CA GLY A 61 -1.30 -3.11 1.01
C GLY A 61 -1.83 -2.38 -0.23
N HIS A 62 -1.58 -2.97 -1.39
CA HIS A 62 -1.98 -2.41 -2.66
C HIS A 62 -2.65 -3.49 -3.48
N ARG A 63 -3.45 -3.07 -4.45
CA ARG A 63 -4.08 -4.01 -5.36
C ARG A 63 -3.16 -4.13 -6.57
N LEU A 64 -2.37 -5.21 -6.61
CA LEU A 64 -1.35 -5.33 -7.66
C LEU A 64 -1.84 -6.13 -8.87
N ILE A 65 -1.69 -5.55 -10.06
CA ILE A 65 -1.98 -6.27 -11.29
C ILE A 65 -0.68 -6.86 -11.85
N PRO A 66 -0.77 -7.76 -12.83
CA PRO A 66 0.47 -8.29 -13.38
C PRO A 66 1.46 -7.21 -13.80
N TYR A 67 0.98 -6.09 -14.34
CA TYR A 67 1.88 -5.02 -14.74
C TYR A 67 2.72 -4.51 -13.56
N ASP A 68 2.10 -4.38 -12.39
CA ASP A 68 2.84 -3.99 -11.18
C ASP A 68 3.94 -4.99 -10.84
N TRP A 69 3.61 -6.27 -10.93
CA TRP A 69 4.59 -7.30 -10.57
C TRP A 69 5.76 -7.27 -11.52
N GLU A 70 5.46 -7.07 -12.81
CA GLU A 70 6.50 -6.97 -13.84
C GLU A 70 7.41 -5.78 -13.56
N ILE A 71 6.83 -4.61 -13.28
CA ILE A 71 7.63 -3.42 -13.01
C ILE A 71 8.50 -3.58 -11.76
N LEU A 72 7.91 -4.10 -10.70
CA LEU A 72 8.61 -4.32 -9.43
C LEU A 72 9.79 -5.25 -9.62
N ALA A 73 9.53 -6.40 -10.23
CA ALA A 73 10.57 -7.41 -10.43
C ALA A 73 11.66 -6.89 -11.36
N LYS A 74 11.26 -6.28 -12.47
CA LYS A 74 12.22 -5.82 -13.46
C LYS A 74 13.12 -4.73 -12.87
N SER A 75 12.53 -3.86 -12.06
CA SER A 75 13.25 -2.75 -11.44
C SER A 75 14.22 -3.20 -10.35
N SER A 76 13.82 -4.21 -9.59
CA SER A 76 14.51 -4.61 -8.36
C SER A 76 15.56 -5.69 -8.57
N LEU A 77 15.39 -6.51 -9.59
CA LEU A 77 16.18 -7.72 -9.75
C LEU A 77 17.25 -7.61 -10.84
N SER A 78 18.33 -8.37 -10.70
CA SER A 78 19.29 -8.51 -11.78
C SER A 78 18.62 -9.22 -12.95
N PRO A 79 19.19 -9.12 -14.15
CA PRO A 79 18.59 -9.82 -15.30
C PRO A 79 18.38 -11.31 -15.06
N SER A 80 19.34 -11.99 -14.45
CA SER A 80 19.21 -13.42 -14.20
C SER A 80 18.16 -13.73 -13.13
N GLN A 81 18.11 -12.91 -12.09
CA GLN A 81 17.09 -13.06 -11.05
C GLN A 81 15.70 -12.82 -11.64
N PHE A 82 15.60 -11.81 -12.51
CA PHE A 82 14.34 -11.54 -13.17
C PHE A 82 13.90 -12.71 -14.05
N LEU A 83 14.83 -13.31 -14.78
CA LEU A 83 14.48 -14.46 -15.62
C LEU A 83 13.95 -15.61 -14.76
N GLN A 84 14.59 -15.83 -13.61
CA GLN A 84 14.11 -16.85 -12.68
C GLN A 84 12.68 -16.52 -12.22
N PHE A 85 12.49 -15.27 -11.77
CA PHE A 85 11.17 -14.86 -11.30
C PHE A 85 10.11 -15.11 -12.38
N LYS A 86 10.39 -14.69 -13.61
CA LYS A 86 9.39 -14.85 -14.68
C LYS A 86 9.16 -16.32 -14.99
N THR A 87 10.22 -17.09 -14.97
CA THR A 87 10.10 -18.53 -15.21
C THR A 87 9.19 -19.16 -14.15
N TRP A 88 9.35 -18.78 -12.89
CA TRP A 88 8.52 -19.36 -11.83
C TRP A 88 7.12 -18.80 -11.76
N TRP A 89 6.93 -17.57 -12.24
CA TRP A 89 5.59 -16.97 -12.36
C TRP A 89 4.81 -17.79 -13.39
N ILE A 90 5.44 -18.04 -14.53
CA ILE A 90 4.79 -18.82 -15.58
C ILE A 90 4.50 -20.26 -15.10
N ASP A 91 5.46 -20.87 -14.41
CA ASP A 91 5.25 -22.20 -13.85
C ASP A 91 4.06 -22.22 -12.88
N GLY A 92 4.02 -21.22 -12.00
CA GLY A 92 2.95 -21.13 -11.02
C GLY A 92 1.59 -20.91 -11.67
N VAL A 93 1.60 -20.13 -12.74
CA VAL A 93 0.38 -19.92 -13.53
C VAL A 93 -0.11 -21.21 -14.17
N GLN A 94 0.82 -21.98 -14.73
CA GLN A 94 0.45 -23.26 -15.33
C GLN A 94 -0.20 -24.17 -14.28
N GLU A 95 0.37 -24.24 -13.08
CA GLU A 95 -0.23 -25.04 -12.02
CA GLU A 95 -0.24 -25.06 -12.04
C GLU A 95 -1.59 -24.50 -11.59
N GLN A 96 -1.70 -23.19 -11.46
CA GLN A 96 -2.96 -22.56 -11.05
C GLN A 96 -4.07 -22.78 -12.07
N VAL A 97 -3.73 -22.71 -13.35
CA VAL A 97 -4.73 -22.94 -14.39
C VAL A 97 -5.24 -24.38 -14.33
N ARG A 98 -4.35 -25.33 -14.09
CA ARG A 98 -4.79 -26.72 -13.94
C ARG A 98 -5.79 -26.84 -12.80
N ARG A 99 -5.50 -26.18 -11.69
CA ARG A 99 -6.39 -26.18 -10.54
C ARG A 99 -7.72 -25.49 -10.84
N ASN A 100 -7.65 -24.35 -11.52
CA ASN A 100 -8.87 -23.61 -11.89
C ASN A 100 -9.79 -24.44 -12.76
N ARG A 101 -9.20 -25.16 -13.72
CA ARG A 101 -9.96 -26.01 -14.63
C ARG A 101 -10.57 -27.20 -13.91
N ALA A 102 -9.87 -27.72 -12.91
CA ALA A 102 -10.32 -28.92 -12.22
C ALA A 102 -11.24 -28.61 -11.06
N ALA A 103 -11.36 -27.34 -10.70
CA ALA A 103 -12.21 -26.94 -9.58
C ALA A 103 -13.69 -27.23 -9.83
N ASN A 104 -14.43 -27.48 -8.75
CA ASN A 104 -15.86 -27.62 -8.82
C ASN A 104 -16.51 -26.50 -7.99
N PRO A 105 -17.15 -25.53 -8.65
CA PRO A 105 -17.22 -25.39 -10.10
C PRO A 105 -15.92 -24.79 -10.62
N PRO A 106 -15.69 -24.84 -11.95
CA PRO A 106 -14.45 -24.32 -12.50
C PRO A 106 -14.29 -22.82 -12.27
N VAL A 107 -13.06 -22.38 -12.07
CA VAL A 107 -12.73 -20.98 -11.90
C VAL A 107 -12.32 -20.47 -13.27
N ASN A 108 -13.06 -19.51 -13.80
CA ASN A 108 -12.83 -19.03 -15.14
C ASN A 108 -11.75 -17.96 -15.14
N ILE A 109 -10.54 -18.36 -14.72
CA ILE A 109 -9.38 -17.46 -14.76
C ILE A 109 -8.28 -18.19 -15.52
N ASP A 110 -7.83 -17.63 -16.65
CA ASP A 110 -6.88 -18.28 -17.54
CA ASP A 110 -6.87 -18.31 -17.51
C ASP A 110 -5.48 -17.72 -17.39
N ALA A 111 -4.50 -18.36 -18.04
CA ALA A 111 -3.09 -17.97 -17.91
C ALA A 111 -2.83 -16.54 -18.40
N ASP A 112 -3.54 -16.12 -19.43
CA ASP A 112 -3.43 -14.76 -19.97
CA ASP A 112 -3.32 -14.78 -19.94
C ASP A 112 -3.74 -13.70 -18.94
N GLN A 113 -4.79 -13.96 -18.15
CA GLN A 113 -5.17 -13.00 -17.12
C GLN A 113 -4.14 -12.97 -16.00
N LEU A 114 -3.70 -14.16 -15.59
CA LEU A 114 -2.73 -14.29 -14.49
C LEU A 114 -1.35 -13.73 -14.83
N LEU A 115 -1.05 -13.62 -16.13
CA LEU A 115 0.25 -13.10 -16.59
C LEU A 115 0.18 -11.70 -17.20
N GLY A 116 -1.03 -11.21 -17.46
CA GLY A 116 -1.21 -9.90 -18.07
C GLY A 116 -0.72 -9.85 -19.51
N ILE A 117 -1.16 -10.81 -20.31
CA ILE A 117 -0.67 -10.90 -21.69
C ILE A 117 -1.81 -11.18 -22.64
N GLY A 118 -1.54 -11.05 -23.94
CA GLY A 118 -2.52 -11.42 -24.95
C GLY A 118 -3.57 -10.36 -25.23
N GLN A 119 -4.49 -10.69 -26.14
CA GLN A 119 -5.49 -9.73 -26.61
C GLN A 119 -6.39 -9.20 -25.50
N ASN A 120 -6.67 -10.03 -24.49
CA ASN A 120 -7.58 -9.65 -23.43
C ASN A 120 -6.97 -8.96 -22.22
N TRP A 121 -5.66 -9.11 -22.03
CA TRP A 121 -5.08 -8.70 -20.75
C TRP A 121 -3.72 -8.00 -20.82
N SER A 122 -3.25 -7.70 -22.03
CA SER A 122 -1.92 -7.10 -22.11
C SER A 122 -1.84 -5.65 -21.61
N THR A 123 -2.95 -4.92 -21.62
CA THR A 123 -2.89 -3.52 -21.19
C THR A 123 -3.27 -3.30 -19.73
N ILE A 124 -2.76 -2.21 -19.18
CA ILE A 124 -3.13 -1.81 -17.83
C ILE A 124 -4.64 -1.55 -17.73
N SER A 125 -5.19 -0.93 -18.76
CA SER A 125 -6.63 -0.64 -18.77
C SER A 125 -7.46 -1.93 -18.63
N GLN A 126 -7.02 -3.00 -19.26
CA GLN A 126 -7.71 -4.29 -19.14
C GLN A 126 -7.47 -4.91 -17.77
N GLN A 127 -6.21 -4.90 -17.34
CA GLN A 127 -5.85 -5.53 -16.08
C GLN A 127 -6.54 -4.86 -14.89
N ALA A 128 -6.77 -3.56 -14.99
CA ALA A 128 -7.36 -2.84 -13.88
C ALA A 128 -8.78 -3.29 -13.56
N LEU A 129 -9.39 -4.02 -14.48
CA LEU A 129 -10.74 -4.54 -14.26
C LEU A 129 -10.74 -5.93 -13.63
N MSE A 130 -9.56 -6.46 -13.32
CA MSE A 130 -9.51 -7.79 -12.71
C MSE A 130 -10.21 -7.81 -11.35
O MSE A 130 -10.09 -6.87 -10.56
CB MSE A 130 -8.06 -8.24 -12.56
CG MSE A 130 -7.41 -8.54 -13.89
SE MSE A 130 -5.49 -8.72 -13.59
CE MSE A 130 -5.60 -9.91 -12.16
N GLN A 131 -10.97 -8.87 -11.11
CA GLN A 131 -11.71 -9.03 -9.86
C GLN A 131 -10.83 -9.61 -8.76
N ASN A 132 -11.34 -9.65 -7.54
CA ASN A 132 -10.54 -10.05 -6.39
C ASN A 132 -9.88 -11.43 -6.48
N GLU A 133 -10.62 -12.42 -6.97
CA GLU A 133 -10.08 -13.78 -7.01
C GLU A 133 -8.83 -13.80 -7.88
N ALA A 134 -8.88 -13.10 -9.01
CA ALA A 134 -7.73 -13.08 -9.91
C ALA A 134 -6.56 -12.32 -9.30
N ILE A 135 -6.84 -11.18 -8.67
CA ILE A 135 -5.78 -10.44 -7.99
C ILE A 135 -5.10 -11.31 -6.94
N GLU A 136 -5.89 -12.09 -6.22
CA GLU A 136 -5.37 -12.92 -5.14
C GLU A 136 -4.52 -14.06 -5.67
N GLN A 137 -4.99 -14.65 -6.77
CA GLN A 137 -4.24 -15.73 -7.42
C GLN A 137 -2.89 -15.21 -7.94
N VAL A 138 -2.92 -14.05 -8.58
CA VAL A 138 -1.68 -13.43 -9.08
C VAL A 138 -0.73 -13.22 -7.91
N ARG A 139 -1.24 -12.68 -6.82
CA ARG A 139 -0.41 -12.39 -5.66
C ARG A 139 0.26 -13.64 -5.10
N ALA A 140 -0.53 -14.70 -4.91
CA ALA A 140 0.01 -15.94 -4.35
C ALA A 140 1.10 -16.51 -5.25
N ILE A 141 0.84 -16.49 -6.56
CA ILE A 141 1.77 -17.06 -7.53
C ILE A 141 3.08 -16.27 -7.58
N CYS A 142 2.96 -14.94 -7.59
CA CYS A 142 4.16 -14.09 -7.68
C CYS A 142 4.99 -14.09 -6.39
N LEU A 143 4.34 -14.11 -5.23
CA LEU A 143 5.09 -14.21 -3.99
C LEU A 143 5.86 -15.55 -3.94
N ARG A 144 5.21 -16.62 -4.40
CA ARG A 144 5.87 -17.91 -4.44
C ARG A 144 7.01 -17.91 -5.46
N ALA A 145 6.80 -17.28 -6.61
CA ALA A 145 7.85 -17.22 -7.63
C ALA A 145 9.05 -16.42 -7.13
N TRP A 146 8.78 -15.32 -6.45
CA TRP A 146 9.86 -14.50 -5.89
C TRP A 146 10.74 -15.35 -4.95
N GLU A 147 10.09 -16.19 -4.15
CA GLU A 147 10.79 -17.04 -3.19
C GLU A 147 11.67 -18.09 -3.86
N LYS A 148 11.39 -18.37 -5.13
CA LYS A 148 12.16 -19.36 -5.88
C LYS A 148 13.42 -18.79 -6.54
N ILE A 149 13.61 -17.47 -6.46
CA ILE A 149 14.81 -16.84 -7.00
C ILE A 149 16.06 -17.24 -6.22
N GLN A 150 17.12 -17.60 -6.93
CA GLN A 150 18.40 -17.95 -6.32
C GLN A 150 19.35 -16.76 -6.17
N ASP A 151 20.21 -16.81 -5.15
CA ASP A 151 21.22 -15.78 -4.94
C ASP A 151 22.42 -16.01 -5.84
N PRO A 152 23.18 -14.95 -6.12
CA PRO A 152 24.48 -15.06 -6.80
C PRO A 152 25.49 -15.79 -5.91
N PRO B 2 -8.79 3.11 3.70
CA PRO B 2 -8.75 4.14 2.66
C PRO B 2 -10.10 4.42 2.02
N VAL B 3 -10.20 5.58 1.39
CA VAL B 3 -11.43 5.99 0.74
C VAL B 3 -11.26 5.92 -0.78
N THR B 4 -12.22 5.32 -1.46
CA THR B 4 -12.26 5.37 -2.92
C THR B 4 -13.41 6.26 -3.39
N LEU B 5 -13.18 6.96 -4.49
CA LEU B 5 -14.20 7.84 -5.05
C LEU B 5 -14.73 7.23 -6.35
N GLU B 6 -15.91 6.62 -6.29
CA GLU B 6 -16.48 5.92 -7.43
C GLU B 6 -16.99 6.89 -8.51
N VAL B 22 -19.48 12.13 -7.53
CA VAL B 22 -18.70 10.98 -7.11
C VAL B 22 -19.21 10.42 -5.79
N GLU B 23 -19.08 9.11 -5.60
CA GLU B 23 -19.55 8.46 -4.39
C GLU B 23 -18.40 7.87 -3.58
N ALA B 24 -18.18 8.41 -2.38
CA ALA B 24 -17.07 7.96 -1.55
C ALA B 24 -17.39 6.67 -0.80
N ARG B 25 -16.48 5.71 -0.87
CA ARG B 25 -16.65 4.44 -0.19
C ARG B 25 -15.42 4.17 0.65
N TYR B 26 -15.63 3.65 1.86
CA TYR B 26 -14.52 3.30 2.74
C TYR B 26 -14.21 1.81 2.71
N LYS B 27 -12.92 1.48 2.62
CA LYS B 27 -12.52 0.09 2.67
C LYS B 27 -11.44 -0.04 3.72
N SER B 28 -11.60 -1.02 4.62
CA SER B 28 -10.64 -1.21 5.70
C SER B 28 -9.31 -1.76 5.17
N PHE B 29 -8.25 -1.53 5.92
CA PHE B 29 -6.96 -2.10 5.60
C PHE B 29 -7.01 -3.62 5.68
N SER B 30 -6.24 -4.25 4.80
CA SER B 30 -6.02 -5.68 4.87
C SER B 30 -5.50 -6.11 6.25
N ILE B 31 -6.13 -7.12 6.83
CA ILE B 31 -5.64 -7.68 8.09
C ILE B 31 -4.19 -8.17 7.99
N LYS B 32 -3.86 -8.83 6.88
CA LYS B 32 -2.49 -9.32 6.68
C LYS B 32 -1.47 -8.17 6.57
N MSE B 33 -1.84 -7.11 5.84
CA MSE B 33 -0.98 -5.93 5.75
C MSE B 33 -0.72 -5.36 7.14
O MSE B 33 0.42 -5.08 7.50
CB MSE B 33 -1.65 -4.87 4.85
CG MSE B 33 -0.68 -3.90 4.15
SE MSE B 33 -1.33 -2.12 4.52
CE MSE B 33 -0.48 -2.31 6.23
N LEU B 34 -1.79 -5.20 7.94
CA LEU B 34 -1.63 -4.68 9.30
C LEU B 34 -0.71 -5.57 10.13
N LYS B 35 -0.86 -6.88 10.00
CA LYS B 35 -0.01 -7.83 10.71
C LYS B 35 1.44 -7.68 10.26
N ASP B 36 1.63 -7.58 8.95
CA ASP B 36 2.96 -7.38 8.36
C ASP B 36 3.63 -6.14 8.92
N MSE B 37 2.85 -5.06 9.02
CA MSE B 37 3.38 -3.78 9.44
CA MSE B 37 3.41 -3.80 9.45
C MSE B 37 3.75 -3.78 10.92
O MSE B 37 4.78 -3.22 11.31
CB MSE B 37 2.35 -2.67 9.16
CB MSE B 37 2.46 -2.67 9.11
CG MSE B 37 2.83 -1.28 9.53
CG MSE B 37 2.38 -2.42 7.63
SE MSE B 37 1.66 0.14 8.89
SE MSE B 37 2.03 -0.54 7.37
CE MSE B 37 2.29 0.22 7.04
CE MSE B 37 0.79 -0.36 8.85
N LYS B 38 2.92 -4.40 11.75
CA LYS B 38 3.23 -4.48 13.16
C LYS B 38 4.50 -5.28 13.40
N GLU B 39 4.64 -6.39 12.68
CA GLU B 39 5.84 -7.22 12.80
CA GLU B 39 5.84 -7.21 12.81
C GLU B 39 7.07 -6.49 12.26
N GLY B 40 6.89 -5.72 11.20
CA GLY B 40 7.98 -4.96 10.61
C GLY B 40 8.48 -3.82 11.49
N VAL B 41 7.56 -3.09 12.10
CA VAL B 41 7.93 -2.05 13.06
C VAL B 41 8.72 -2.65 14.23
N LYS B 42 8.23 -3.77 14.74
CA LYS B 42 8.89 -4.48 15.82
C LYS B 42 10.30 -4.93 15.45
N GLN B 43 10.47 -5.54 14.28
CA GLN B 43 11.76 -6.09 13.89
CA GLN B 43 11.76 -6.09 13.90
C GLN B 43 12.78 -5.04 13.44
N TYR B 44 12.31 -4.02 12.72
CA TYR B 44 13.22 -3.06 12.08
C TYR B 44 13.17 -1.62 12.62
N GLY B 45 12.08 -1.25 13.28
CA GLY B 45 11.92 0.11 13.79
C GLY B 45 10.92 0.89 12.95
N PRO B 46 10.23 1.85 13.58
CA PRO B 46 9.18 2.62 12.91
C PRO B 46 9.71 3.52 11.78
N ASN B 47 10.99 3.91 11.85
CA ASN B 47 11.57 4.73 10.79
C ASN B 47 12.79 4.12 10.11
N SER B 48 12.83 2.80 10.07
CA SER B 48 13.83 2.09 9.30
C SER B 48 13.52 2.33 7.82
N PRO B 49 14.53 2.19 6.95
CA PRO B 49 14.24 2.28 5.52
C PRO B 49 13.09 1.32 5.14
N TYR B 50 13.05 0.18 5.82
CA TYR B 50 11.97 -0.80 5.64
C TYR B 50 10.60 -0.15 5.80
N MSE B 51 10.37 0.46 6.96
CA MSE B 51 9.05 1.04 7.26
CA MSE B 51 9.05 1.02 7.25
C MSE B 51 8.77 2.28 6.44
O MSE B 51 7.63 2.55 6.06
CB MSE B 51 8.93 1.36 8.75
CB MSE B 51 8.88 1.30 8.74
CG MSE B 51 7.52 1.72 9.18
CG MSE B 51 8.65 0.04 9.58
SE MSE B 51 6.17 0.45 8.53
SE MSE B 51 7.08 -1.00 9.06
CE MSE B 51 6.98 -1.21 9.18
CE MSE B 51 5.79 0.45 8.85
N ARG B 52 9.82 3.06 6.15
CA ARG B 52 9.63 4.28 5.37
C ARG B 52 9.15 3.93 3.96
N THR B 53 9.76 2.91 3.36
CA THR B 53 9.36 2.44 2.04
C THR B 53 7.89 2.03 2.04
N LEU B 54 7.52 1.16 2.97
CA LEU B 54 6.16 0.65 3.05
C LEU B 54 5.15 1.75 3.33
N LEU B 55 5.41 2.55 4.35
CA LEU B 55 4.45 3.56 4.77
C LEU B 55 4.24 4.64 3.70
N ASP B 56 5.32 5.14 3.13
CA ASP B 56 5.23 6.15 2.06
C ASP B 56 4.39 5.64 0.90
N SER B 57 4.58 4.37 0.54
CA SER B 57 3.82 3.81 -0.57
C SER B 57 2.33 3.73 -0.26
N ILE B 58 1.99 3.37 0.98
CA ILE B 58 0.59 3.27 1.38
C ILE B 58 -0.04 4.65 1.42
N ALA B 59 0.67 5.61 1.99
CA ALA B 59 0.16 6.97 2.16
C ALA B 59 -0.11 7.68 0.84
N HIS B 60 0.76 7.44 -0.14
CA HIS B 60 0.66 8.12 -1.43
C HIS B 60 -0.08 7.27 -2.47
N GLY B 61 -0.26 5.99 -2.16
CA GLY B 61 -0.96 5.11 -3.06
C GLY B 61 -2.45 5.02 -2.74
N HIS B 62 -2.87 5.68 -1.66
CA HIS B 62 -4.25 5.66 -1.21
CA HIS B 62 -4.26 5.66 -1.22
C HIS B 62 -4.72 7.03 -0.73
N ARG B 63 -6.04 7.23 -0.72
CA ARG B 63 -6.64 8.42 -0.12
C ARG B 63 -6.94 8.07 1.34
N LEU B 64 -6.10 8.56 2.26
CA LEU B 64 -6.25 8.17 3.66
C LEU B 64 -6.95 9.27 4.47
N ILE B 65 -7.95 8.88 5.24
CA ILE B 65 -8.60 9.78 6.19
C ILE B 65 -7.95 9.65 7.59
N PRO B 66 -8.20 10.62 8.48
CA PRO B 66 -7.67 10.48 9.84
C PRO B 66 -7.93 9.11 10.48
N TYR B 67 -9.13 8.56 10.26
CA TYR B 67 -9.43 7.21 10.74
C TYR B 67 -8.40 6.17 10.28
N ASP B 68 -8.01 6.22 9.00
CA ASP B 68 -6.99 5.32 8.47
C ASP B 68 -5.69 5.48 9.25
N TRP B 69 -5.27 6.72 9.45
CA TRP B 69 -4.01 6.97 10.12
C TRP B 69 -4.04 6.46 11.55
N GLU B 70 -5.16 6.67 12.23
CA GLU B 70 -5.33 6.16 13.59
C GLU B 70 -5.20 4.64 13.62
N ILE B 71 -5.83 3.96 12.66
CA ILE B 71 -5.75 2.49 12.56
C ILE B 71 -4.31 2.02 12.28
N LEU B 72 -3.66 2.61 11.29
CA LEU B 72 -2.29 2.22 10.94
C LEU B 72 -1.37 2.37 12.13
N ALA B 73 -1.50 3.50 12.82
CA ALA B 73 -0.61 3.83 13.92
C ALA B 73 -0.90 2.95 15.14
N LYS B 74 -2.16 2.89 15.54
CA LYS B 74 -2.52 2.15 16.75
C LYS B 74 -2.16 0.67 16.57
N SER B 75 -2.38 0.15 15.37
CA SER B 75 -2.16 -1.27 15.11
C SER B 75 -0.67 -1.61 15.00
N SER B 76 0.10 -0.72 14.38
CA SER B 76 1.50 -0.97 14.04
C SER B 76 2.50 -0.64 15.13
N LEU B 77 2.17 0.33 15.98
CA LEU B 77 3.17 0.90 16.88
C LEU B 77 3.04 0.34 18.29
N SER B 78 4.14 0.32 19.03
CA SER B 78 4.08 0.02 20.45
C SER B 78 3.29 1.13 21.13
N PRO B 79 2.80 0.88 22.35
CA PRO B 79 2.08 1.93 23.08
C PRO B 79 2.88 3.24 23.25
N SER B 80 4.17 3.16 23.59
CA SER B 80 4.98 4.37 23.73
C SER B 80 5.21 5.05 22.38
N GLN B 81 5.40 4.26 21.33
CA GLN B 81 5.56 4.81 19.99
C GLN B 81 4.27 5.49 19.54
N PHE B 82 3.12 4.88 19.86
CA PHE B 82 1.84 5.47 19.49
C PHE B 82 1.64 6.82 20.17
N LEU B 83 2.01 6.91 21.45
CA LEU B 83 1.89 8.17 22.17
CA LEU B 83 1.91 8.16 22.19
C LEU B 83 2.73 9.25 21.51
N GLN B 84 3.93 8.89 21.06
CA GLN B 84 4.79 9.82 20.35
C GLN B 84 4.12 10.28 19.06
N PHE B 85 3.58 9.32 18.30
CA PHE B 85 2.92 9.63 17.05
C PHE B 85 1.78 10.62 17.29
N LYS B 86 0.96 10.37 18.29
CA LYS B 86 -0.20 11.24 18.54
CA LYS B 86 -0.20 11.24 18.53
C LYS B 86 0.23 12.65 18.91
N THR B 87 1.27 12.78 19.73
CA THR B 87 1.71 14.12 20.13
C THR B 87 2.20 14.90 18.92
N TRP B 88 2.96 14.24 18.05
CA TRP B 88 3.47 14.90 16.86
C TRP B 88 2.37 15.17 15.82
N TRP B 89 1.34 14.32 15.80
CA TRP B 89 0.18 14.57 14.95
C TRP B 89 -0.43 15.89 15.41
N ILE B 90 -0.61 16.02 16.72
CA ILE B 90 -1.24 17.21 17.29
C ILE B 90 -0.36 18.43 17.03
N ASP B 91 0.95 18.25 17.15
CA ASP B 91 1.88 19.34 16.86
C ASP B 91 1.74 19.81 15.42
N GLY B 92 1.65 18.86 14.48
CA GLY B 92 1.55 19.22 13.08
C GLY B 92 0.23 19.93 12.79
N VAL B 93 -0.81 19.52 13.50
CA VAL B 93 -2.12 20.16 13.34
C VAL B 93 -2.07 21.62 13.82
N GLN B 94 -1.38 21.88 14.92
CA GLN B 94 -1.25 23.25 15.43
CA GLN B 94 -1.26 23.25 15.41
C GLN B 94 -0.64 24.15 14.36
N GLU B 95 0.44 23.69 13.77
CA GLU B 95 1.16 24.47 12.77
CA GLU B 95 1.17 24.46 12.78
C GLU B 95 0.33 24.63 11.51
N GLN B 96 -0.36 23.57 11.11
CA GLN B 96 -1.17 23.61 9.90
C GLN B 96 -2.33 24.58 10.02
N VAL B 97 -3.01 24.55 11.17
CA VAL B 97 -4.13 25.44 11.40
C VAL B 97 -3.66 26.90 11.37
N ARG B 98 -2.49 27.15 11.94
CA ARG B 98 -1.90 28.48 11.90
C ARG B 98 -1.69 28.95 10.45
N ARG B 99 -1.12 28.09 9.62
CA ARG B 99 -0.91 28.41 8.21
C ARG B 99 -2.25 28.58 7.49
N ASN B 100 -3.22 27.74 7.81
CA ASN B 100 -4.54 27.85 7.21
C ASN B 100 -5.17 29.21 7.52
N ARG B 101 -5.05 29.66 8.77
CA ARG B 101 -5.69 30.91 9.18
C ARG B 101 -5.01 32.11 8.52
N ALA B 102 -3.72 31.97 8.28
CA ALA B 102 -2.90 33.08 7.79
C ALA B 102 -2.88 33.16 6.27
N ALA B 103 -3.33 32.10 5.62
CA ALA B 103 -3.39 32.05 4.16
C ALA B 103 -4.32 33.11 3.61
N ASN B 104 -4.09 33.50 2.37
CA ASN B 104 -4.94 34.47 1.71
C ASN B 104 -5.49 33.92 0.39
N PRO B 105 -6.79 33.56 0.39
CA PRO B 105 -7.72 33.66 1.52
C PRO B 105 -7.47 32.54 2.53
N PRO B 106 -8.01 32.66 3.74
CA PRO B 106 -7.81 31.59 4.72
C PRO B 106 -8.33 30.27 4.19
N VAL B 107 -7.68 29.18 4.56
CA VAL B 107 -8.13 27.86 4.18
C VAL B 107 -9.03 27.37 5.30
N ASN B 108 -10.26 27.02 4.97
CA ASN B 108 -11.25 26.67 5.99
C ASN B 108 -11.20 25.20 6.43
N ILE B 109 -10.04 24.80 6.92
CA ILE B 109 -9.82 23.46 7.48
C ILE B 109 -9.27 23.68 8.88
N ASP B 110 -9.96 23.13 9.90
CA ASP B 110 -9.57 23.31 11.29
C ASP B 110 -9.13 21.96 11.87
N ALA B 111 -8.74 21.98 13.14
CA ALA B 111 -8.17 20.84 13.82
C ALA B 111 -9.14 19.66 13.88
N ASP B 112 -10.44 19.95 13.92
CA ASP B 112 -11.41 18.86 14.00
C ASP B 112 -11.35 17.96 12.77
N GLN B 113 -11.23 18.59 11.61
CA GLN B 113 -11.13 17.87 10.34
C GLN B 113 -9.78 17.14 10.20
N LEU B 114 -8.72 17.79 10.62
CA LEU B 114 -7.38 17.20 10.56
C LEU B 114 -7.17 16.07 11.56
N LEU B 115 -7.92 16.07 12.66
CA LEU B 115 -7.84 14.98 13.63
C LEU B 115 -8.96 13.94 13.48
N GLY B 116 -9.98 14.27 12.72
CA GLY B 116 -11.10 13.37 12.52
C GLY B 116 -11.95 13.26 13.78
N ILE B 117 -12.31 14.38 14.38
CA ILE B 117 -13.07 14.38 15.63
C ILE B 117 -14.21 15.40 15.58
N GLY B 118 -15.11 15.34 16.56
CA GLY B 118 -16.14 16.34 16.70
C GLY B 118 -17.39 16.05 15.90
N GLN B 119 -18.39 16.90 16.05
CA GLN B 119 -19.72 16.74 15.45
CA GLN B 119 -19.70 16.64 15.46
C GLN B 119 -19.71 16.62 13.93
N ASN B 120 -18.75 17.30 13.29
CA ASN B 120 -18.70 17.33 11.83
C ASN B 120 -17.75 16.32 11.17
N TRP B 121 -16.82 15.74 11.92
CA TRP B 121 -15.79 14.91 11.28
C TRP B 121 -15.44 13.62 12.01
N SER B 122 -16.23 13.24 13.01
CA SER B 122 -15.83 12.08 13.80
C SER B 122 -16.14 10.74 13.11
N THR B 123 -17.11 10.70 12.21
CA THR B 123 -17.46 9.44 11.55
C THR B 123 -16.70 9.20 10.25
N ILE B 124 -16.55 7.93 9.90
CA ILE B 124 -15.94 7.58 8.63
C ILE B 124 -16.71 8.18 7.46
N SER B 125 -18.03 8.15 7.51
CA SER B 125 -18.80 8.70 6.40
C SER B 125 -18.58 10.20 6.20
N GLN B 126 -18.45 10.93 7.29
CA GLN B 126 -18.14 12.34 7.21
C GLN B 126 -16.74 12.54 6.65
N GLN B 127 -15.77 11.83 7.20
CA GLN B 127 -14.39 12.01 6.75
C GLN B 127 -14.23 11.64 5.27
N ALA B 128 -15.04 10.71 4.79
CA ALA B 128 -14.92 10.28 3.40
C ALA B 128 -15.24 11.40 2.42
N LEU B 129 -15.89 12.46 2.91
CA LEU B 129 -16.27 13.60 2.05
C LEU B 129 -15.19 14.70 2.07
N MSE B 130 -14.11 14.46 2.80
CA MSE B 130 -13.00 15.40 2.89
CA MSE B 130 -13.04 15.45 2.88
C MSE B 130 -12.46 15.73 1.51
O MSE B 130 -12.25 14.83 0.70
CB MSE B 130 -11.90 14.74 3.73
CB MSE B 130 -11.91 14.97 3.80
CG MSE B 130 -10.84 15.67 4.26
CG MSE B 130 -12.33 14.77 5.22
SE MSE B 130 -9.75 14.75 5.60
SE MSE B 130 -10.88 13.94 6.22
CE MSE B 130 -11.10 14.60 7.01
CE MSE B 130 -9.63 15.44 6.13
N GLN B 131 -12.22 17.01 1.23
CA GLN B 131 -11.72 17.43 -0.06
CA GLN B 131 -11.72 17.43 -0.06
C GLN B 131 -10.22 17.18 -0.21
N ASN B 132 -9.72 17.32 -1.43
CA ASN B 132 -8.31 17.03 -1.70
C ASN B 132 -7.33 17.77 -0.78
N GLU B 133 -7.54 19.07 -0.57
CA GLU B 133 -6.60 19.85 0.21
C GLU B 133 -6.49 19.30 1.64
N ALA B 134 -7.63 18.97 2.24
CA ALA B 134 -7.64 18.37 3.57
C ALA B 134 -6.93 17.01 3.63
N ILE B 135 -7.17 16.14 2.65
CA ILE B 135 -6.47 14.87 2.56
C ILE B 135 -4.95 15.08 2.50
N GLU B 136 -4.53 16.04 1.69
CA GLU B 136 -3.11 16.34 1.55
C GLU B 136 -2.50 16.86 2.84
N GLN B 137 -3.22 17.73 3.53
CA GLN B 137 -2.74 18.24 4.81
C GLN B 137 -2.62 17.13 5.84
N VAL B 138 -3.63 16.27 5.93
CA VAL B 138 -3.58 15.13 6.85
C VAL B 138 -2.39 14.21 6.52
N ARG B 139 -2.18 13.95 5.23
CA ARG B 139 -1.08 13.06 4.82
C ARG B 139 0.28 13.61 5.27
N ALA B 140 0.52 14.89 4.99
CA ALA B 140 1.80 15.50 5.34
C ALA B 140 2.01 15.54 6.86
N ILE B 141 0.95 15.88 7.58
CA ILE B 141 1.02 15.98 9.03
C ILE B 141 1.34 14.61 9.64
N CYS B 142 0.66 13.57 9.16
CA CYS B 142 0.83 12.24 9.75
C CYS B 142 2.14 11.57 9.34
N LEU B 143 2.58 11.79 8.11
CA LEU B 143 3.89 11.26 7.72
C LEU B 143 5.00 11.91 8.55
N ARG B 144 4.89 13.21 8.76
CA ARG B 144 5.85 13.93 9.61
C ARG B 144 5.80 13.40 11.05
N ALA B 145 4.60 13.17 11.57
CA ALA B 145 4.43 12.67 12.93
C ALA B 145 5.08 11.31 13.08
N TRP B 146 4.90 10.46 12.08
CA TRP B 146 5.50 9.13 12.12
C TRP B 146 7.03 9.26 12.11
N GLU B 147 7.54 10.14 11.26
CA GLU B 147 8.99 10.35 11.13
CA GLU B 147 8.99 10.31 11.14
C GLU B 147 9.62 10.89 12.41
N LYS B 148 8.81 11.55 13.23
CA LYS B 148 9.31 12.13 14.46
C LYS B 148 9.30 11.17 15.65
N ILE B 149 8.80 9.96 15.42
CA ILE B 149 8.84 8.94 16.46
C ILE B 149 10.31 8.65 16.79
N GLN B 150 10.69 8.80 18.05
CA GLN B 150 12.06 8.53 18.46
C GLN B 150 12.16 7.27 19.32
C1 GOL C . 2.27 -7.97 -17.58
O1 GOL C . 1.55 -6.85 -18.05
C2 GOL C . 3.59 -8.10 -18.34
O2 GOL C . 4.40 -9.00 -17.64
C3 GOL C . 3.33 -8.67 -19.72
O3 GOL C . 4.56 -9.11 -20.27
#